data_4YHT
#
_entry.id   4YHT
#
_cell.length_a   99.783
_cell.length_b   99.783
_cell.length_c   161.504
_cell.angle_alpha   90.000
_cell.angle_beta   90.000
_cell.angle_gamma   90.000
#
_symmetry.space_group_name_H-M   'P 41 21 2'
#
loop_
_entity.id
_entity.type
_entity.pdbx_description
1 polymer 'Serine/threonine-protein kinase B-raf'
2 non-polymer GLYCEROL
3 non-polymer 3-[(5-chloro-7H-pyrrolo[2,3-d]pyrimidin-4-yl)amino]-N-methyl-4-(morpholin-4-yl)benzenesulfonamide
4 water water
#
_entity_poly.entity_id   1
_entity_poly.type   'polypeptide(L)'
_entity_poly.pdbx_seq_one_letter_code
;DWEIPDGQITVGQRIGSGSFGTVYKGKWHGDVAVKMLNVTAPTPQQLQAFKNEVGVLRKTRHVNILLFMGYSTKPQLAIV
TQWCEGSSLYHHLHTNETKFEMTKLIDIARQTAQGMDYLHAKSIIHRDLKSNNIFLHEDLTVKIGDFGLATVKSRWSGSH
QFEQLSGSILWMAPEVIRMQDKNPYSFQSDVYAFGIVLYELMTGQLPYSNINNRDQIIFMVGRGYLSPDLSKVRSNCPKA
MKRLMAECLKKKRDERPTFPQILASIETLARS
;
_entity_poly.pdbx_strand_id   A,B
#
loop_
_chem_comp.id
_chem_comp.type
_chem_comp.name
_chem_comp.formula
4EF non-polymer 3-[(5-chloro-7H-pyrrolo[2,3-d]pyrimidin-4-yl)amino]-N-methyl-4-(morpholin-4-yl)benzenesulfonamide 'C17 H19 Cl N6 O3 S'
GOL non-polymer GLYCEROL 'C3 H8 O3'
#
# COMPACT_ATOMS: atom_id res chain seq x y z
N ASP A 1 -7.82 -0.06 17.36
CA ASP A 1 -7.38 -1.48 17.39
C ASP A 1 -7.50 -2.16 16.03
N TRP A 2 -6.73 -3.24 15.84
CA TRP A 2 -6.65 -3.91 14.54
C TRP A 2 -7.21 -5.32 14.52
N GLU A 3 -7.98 -5.66 15.54
CA GLU A 3 -8.60 -6.98 15.57
C GLU A 3 -9.80 -7.05 14.62
N ILE A 4 -9.86 -8.13 13.85
CA ILE A 4 -10.99 -8.43 12.97
C ILE A 4 -11.93 -9.44 13.63
N PRO A 5 -13.21 -9.06 13.79
CA PRO A 5 -14.22 -9.95 14.39
C PRO A 5 -14.38 -11.26 13.63
N ASP A 6 -14.60 -12.34 14.40
CA ASP A 6 -14.77 -13.70 13.87
C ASP A 6 -15.87 -13.74 12.82
N GLY A 7 -15.61 -14.44 11.73
CA GLY A 7 -16.61 -14.68 10.68
C GLY A 7 -16.51 -13.76 9.49
N GLN A 8 -15.67 -12.73 9.59
CA GLN A 8 -15.51 -11.72 8.55
C GLN A 8 -14.52 -12.14 7.47
N ILE A 9 -13.51 -12.92 7.88
CA ILE A 9 -12.46 -13.36 6.97
C ILE A 9 -12.86 -14.64 6.27
N THR A 10 -12.89 -14.60 4.94
CA THR A 10 -13.05 -15.80 4.11
C THR A 10 -11.67 -16.33 3.80
N VAL A 11 -11.49 -17.64 3.92
CA VAL A 11 -10.19 -18.26 3.70
C VAL A 11 -10.27 -19.17 2.49
N GLY A 12 -9.46 -18.89 1.48
CA GLY A 12 -9.48 -19.64 0.23
C GLY A 12 -8.32 -20.60 0.09
N GLN A 13 -7.69 -20.50 -1.08
CA GLN A 13 -6.59 -21.39 -1.47
C GLN A 13 -5.38 -21.32 -0.54
N ARG A 14 -4.90 -22.48 -0.13
CA ARG A 14 -3.66 -22.59 0.63
C ARG A 14 -2.49 -22.25 -0.28
N ILE A 15 -1.73 -21.24 0.12
CA ILE A 15 -0.69 -20.70 -0.73
C ILE A 15 0.65 -21.35 -0.43
N GLY A 16 0.89 -21.67 0.83
CA GLY A 16 2.13 -22.29 1.24
C GLY A 16 2.37 -22.10 2.72
N SER A 17 3.63 -22.19 3.11
CA SER A 17 4.01 -22.09 4.50
C SER A 17 4.78 -20.81 4.79
N GLY A 18 4.51 -20.22 5.96
CA GLY A 18 5.28 -19.08 6.42
C GLY A 18 6.06 -19.43 7.67
N SER A 19 6.59 -18.43 8.36
CA SER A 19 7.16 -18.63 9.69
C SER A 19 6.01 -18.90 10.67
N PHE A 20 6.07 -20.03 11.36
CA PHE A 20 5.10 -20.39 12.40
C PHE A 20 3.64 -20.35 11.92
N GLY A 21 3.38 -20.79 10.70
CA GLY A 21 2.00 -20.87 10.24
C GLY A 21 1.81 -21.28 8.80
N THR A 22 0.54 -21.31 8.39
CA THR A 22 0.15 -21.64 7.04
C THR A 22 -0.49 -20.44 6.36
N VAL A 23 -0.09 -20.18 5.13
CA VAL A 23 -0.54 -18.99 4.41
C VAL A 23 -1.57 -19.36 3.36
N TYR A 24 -2.69 -18.64 3.37
CA TYR A 24 -3.78 -18.84 2.42
C TYR A 24 -4.10 -17.54 1.71
N LYS A 25 -4.61 -17.63 0.49
CA LYS A 25 -5.23 -16.46 -0.13
C LYS A 25 -6.65 -16.34 0.39
N GLY A 26 -7.04 -15.12 0.77
CA GLY A 26 -8.33 -14.89 1.40
C GLY A 26 -9.10 -13.69 0.92
N LYS A 27 -10.26 -13.46 1.53
CA LYS A 27 -11.09 -12.30 1.28
C LYS A 27 -11.40 -11.59 2.59
N TRP A 28 -11.10 -10.30 2.64
CA TRP A 28 -11.55 -9.42 3.71
C TRP A 28 -11.44 -8.00 3.19
N HIS A 29 -12.55 -7.43 2.78
CA HIS A 29 -12.58 -6.16 2.05
C HIS A 29 -11.70 -6.23 0.82
N GLY A 30 -11.85 -7.31 0.06
CA GLY A 30 -11.03 -7.56 -1.12
C GLY A 30 -10.03 -8.66 -0.84
N ASP A 31 -9.08 -8.85 -1.76
CA ASP A 31 -8.12 -9.92 -1.62
C ASP A 31 -7.14 -9.66 -0.49
N VAL A 32 -6.90 -10.68 0.31
CA VAL A 32 -5.91 -10.59 1.40
C VAL A 32 -5.05 -11.85 1.46
N ALA A 33 -3.94 -11.78 2.18
CA ALA A 33 -3.21 -12.98 2.54
C ALA A 33 -3.40 -13.17 4.03
N VAL A 34 -3.57 -14.44 4.42
CA VAL A 34 -3.82 -14.79 5.80
C VAL A 34 -2.83 -15.87 6.22
N LYS A 35 -2.12 -15.60 7.30
CA LYS A 35 -1.27 -16.61 7.91
C LYS A 35 -1.94 -17.03 9.20
N MET A 36 -2.12 -18.33 9.38
CA MET A 36 -2.68 -18.82 10.64
C MET A 36 -1.97 -20.03 11.21
N LEU A 37 -1.94 -20.09 12.53
CA LEU A 37 -1.51 -21.26 13.26
C LEU A 37 -2.70 -22.22 13.48
N ASN A 38 -2.45 -23.50 13.22
CA ASN A 38 -3.53 -24.50 13.18
C ASN A 38 -3.78 -25.28 14.47
N VAL A 39 -2.81 -25.27 15.39
CA VAL A 39 -2.93 -25.92 16.69
C VAL A 39 -4.20 -25.45 17.42
N THR A 40 -5.02 -26.40 17.87
CA THR A 40 -6.33 -26.10 18.47
C THR A 40 -6.24 -25.08 19.60
N ALA A 41 -5.47 -25.41 20.62
CA ALA A 41 -5.16 -24.47 21.70
C ALA A 41 -3.68 -24.15 21.61
N PRO A 42 -3.34 -22.89 21.31
CA PRO A 42 -1.94 -22.47 21.16
C PRO A 42 -1.22 -22.41 22.50
N THR A 43 0.07 -22.75 22.51
CA THR A 43 0.89 -22.69 23.73
C THR A 43 1.26 -21.23 24.04
N PRO A 44 1.58 -20.94 25.32
CA PRO A 44 2.09 -19.62 25.72
C PRO A 44 3.21 -19.08 24.81
N GLN A 45 4.09 -19.97 24.34
CA GLN A 45 5.15 -19.62 23.40
C GLN A 45 4.59 -19.18 22.06
N GLN A 46 3.69 -19.97 21.51
CA GLN A 46 3.05 -19.67 20.23
C GLN A 46 2.25 -18.38 20.32
N LEU A 47 1.44 -18.26 21.37
CA LEU A 47 0.64 -17.06 21.62
C LEU A 47 1.54 -15.83 21.76
N GLN A 48 2.75 -16.04 22.25
CA GLN A 48 3.75 -14.98 22.34
C GLN A 48 4.25 -14.59 20.95
N ALA A 49 4.71 -15.57 20.18
CA ALA A 49 5.18 -15.35 18.81
C ALA A 49 4.19 -14.49 18.02
N PHE A 50 2.92 -14.83 18.14
CA PHE A 50 1.82 -14.12 17.51
C PHE A 50 1.73 -12.66 17.98
N LYS A 51 1.66 -12.46 19.30
CA LYS A 51 1.61 -11.10 19.87
C LYS A 51 2.81 -10.25 19.46
N ASN A 52 4.00 -10.87 19.41
CA ASN A 52 5.22 -10.23 18.94
C ASN A 52 5.16 -9.85 17.47
N GLU A 53 4.68 -10.77 16.63
CA GLU A 53 4.62 -10.52 15.19
C GLU A 53 3.68 -9.37 14.82
N VAL A 54 2.51 -9.35 15.46
CA VAL A 54 1.51 -8.29 15.31
C VAL A 54 2.12 -6.96 15.72
N GLY A 55 2.74 -6.96 16.90
CA GLY A 55 3.45 -5.80 17.45
C GLY A 55 4.42 -5.16 16.49
N VAL A 56 5.22 -5.99 15.82
CA VAL A 56 6.17 -5.49 14.82
C VAL A 56 5.41 -4.94 13.60
N LEU A 57 4.51 -5.75 13.05
CA LEU A 57 3.73 -5.35 11.87
C LEU A 57 3.03 -4.00 11.99
N ARG A 58 2.34 -3.78 13.10
CA ARG A 58 1.62 -2.53 13.29
C ARG A 58 2.51 -1.30 13.39
N LYS A 59 3.82 -1.51 13.43
CA LYS A 59 4.76 -0.39 13.40
C LYS A 59 5.16 -0.01 11.99
N THR A 60 4.60 -0.72 11.00
CA THR A 60 5.02 -0.56 9.61
C THR A 60 3.91 -0.01 8.70
N ARG A 61 4.22 1.10 8.03
CA ARG A 61 3.36 1.71 7.03
C ARG A 61 4.28 2.27 5.95
N HIS A 62 4.46 1.49 4.89
CA HIS A 62 5.39 1.84 3.83
C HIS A 62 5.15 0.98 2.61
N VAL A 63 5.16 1.65 1.46
CA VAL A 63 4.87 1.07 0.15
C VAL A 63 5.57 -0.25 -0.15
N ASN A 64 6.73 -0.49 0.48
CA ASN A 64 7.53 -1.67 0.19
C ASN A 64 7.49 -2.72 1.30
N ILE A 65 6.66 -2.45 2.30
CA ILE A 65 6.41 -3.45 3.34
C ILE A 65 5.01 -3.98 3.09
N LEU A 66 4.91 -5.29 2.88
CA LEU A 66 3.59 -5.92 2.71
C LEU A 66 2.61 -5.42 3.77
N LEU A 67 1.47 -4.88 3.33
CA LEU A 67 0.61 -4.11 4.21
C LEU A 67 -0.15 -4.95 5.23
N PHE A 68 0.20 -4.77 6.50
CA PHE A 68 -0.54 -5.37 7.59
C PHE A 68 -1.92 -4.72 7.65
N MET A 69 -2.95 -5.56 7.72
CA MET A 69 -4.32 -5.09 7.66
C MET A 69 -5.10 -5.41 8.94
N GLY A 70 -4.70 -6.47 9.63
CA GLY A 70 -5.37 -6.87 10.86
C GLY A 70 -5.05 -8.28 11.30
N TYR A 71 -5.60 -8.65 12.45
CA TYR A 71 -5.41 -9.99 13.01
C TYR A 71 -6.70 -10.51 13.64
N SER A 72 -6.79 -11.84 13.74
CA SER A 72 -7.88 -12.52 14.40
C SER A 72 -7.33 -13.52 15.41
N THR A 73 -8.13 -13.79 16.44
CA THR A 73 -7.75 -14.78 17.47
C THR A 73 -8.72 -15.94 17.58
N LYS A 74 -9.93 -15.79 17.05
CA LYS A 74 -10.93 -16.85 17.03
C LYS A 74 -11.50 -16.97 15.61
N PRO A 75 -11.61 -18.19 15.07
CA PRO A 75 -11.33 -19.45 15.78
C PRO A 75 -9.85 -19.78 15.97
N GLN A 76 -8.97 -19.07 15.29
CA GLN A 76 -7.53 -19.31 15.44
C GLN A 76 -6.72 -18.05 15.24
N LEU A 77 -5.47 -18.10 15.70
CA LEU A 77 -4.54 -16.98 15.60
C LEU A 77 -4.20 -16.74 14.15
N ALA A 78 -4.62 -15.60 13.63
CA ALA A 78 -4.42 -15.30 12.22
C ALA A 78 -3.91 -13.89 11.98
N ILE A 79 -2.99 -13.75 11.02
CA ILE A 79 -2.49 -12.45 10.61
C ILE A 79 -2.94 -12.15 9.18
N VAL A 80 -3.51 -10.96 8.99
CA VAL A 80 -4.04 -10.56 7.68
C VAL A 80 -3.21 -9.41 7.07
N THR A 81 -2.64 -9.68 5.90
CA THR A 81 -1.96 -8.64 5.12
C THR A 81 -2.66 -8.50 3.78
N GLN A 82 -2.37 -7.42 3.06
CA GLN A 82 -2.84 -7.27 1.68
C GLN A 82 -2.45 -8.50 0.85
N TRP A 83 -3.20 -8.79 -0.20
CA TRP A 83 -2.77 -9.77 -1.17
C TRP A 83 -1.95 -9.09 -2.25
N CYS A 84 -0.79 -9.67 -2.54
CA CYS A 84 0.08 -9.13 -3.57
C CYS A 84 -0.16 -9.86 -4.87
N GLU A 85 -0.62 -9.10 -5.87
CA GLU A 85 -0.99 -9.66 -7.17
C GLU A 85 0.22 -10.03 -8.00
N GLY A 86 0.83 -11.17 -7.67
CA GLY A 86 2.05 -11.63 -8.33
C GLY A 86 2.75 -12.72 -7.57
N SER A 87 3.99 -13.02 -7.95
CA SER A 87 4.77 -14.10 -7.33
C SER A 87 5.89 -13.59 -6.46
N SER A 88 6.39 -14.47 -5.59
CA SER A 88 7.58 -14.18 -4.82
C SER A 88 8.78 -14.06 -5.74
N LEU A 89 9.74 -13.23 -5.34
CA LEU A 89 10.98 -13.05 -6.11
C LEU A 89 11.67 -14.38 -6.40
N TYR A 90 11.65 -15.26 -5.40
CA TYR A 90 12.17 -16.60 -5.51
C TYR A 90 11.55 -17.35 -6.69
N HIS A 91 10.22 -17.38 -6.71
CA HIS A 91 9.48 -18.06 -7.76
C HIS A 91 9.90 -17.54 -9.13
N HIS A 92 9.96 -16.22 -9.27
CA HIS A 92 10.36 -15.61 -10.53
C HIS A 92 11.73 -16.08 -11.00
N LEU A 93 12.72 -15.98 -10.13
CA LEU A 93 14.11 -16.26 -10.50
C LEU A 93 14.44 -17.73 -10.65
N HIS A 94 13.88 -18.57 -9.79
CA HIS A 94 14.34 -19.96 -9.70
C HIS A 94 13.36 -21.02 -10.16
N THR A 95 12.06 -20.78 -9.99
CA THR A 95 11.03 -21.70 -10.49
C THR A 95 10.73 -21.35 -11.93
N ASN A 96 10.20 -20.15 -12.13
CA ASN A 96 9.75 -19.73 -13.43
C ASN A 96 10.87 -19.33 -14.38
N GLU A 97 12.04 -19.02 -13.83
CA GLU A 97 13.21 -18.53 -14.58
C GLU A 97 12.85 -17.33 -15.49
N THR A 98 12.09 -16.39 -14.94
CA THR A 98 11.78 -15.13 -15.60
C THR A 98 13.07 -14.36 -15.82
N LYS A 99 13.29 -13.95 -17.06
CA LYS A 99 14.41 -13.07 -17.37
C LYS A 99 13.91 -11.62 -17.31
N PHE A 100 14.40 -10.88 -16.32
CA PHE A 100 14.14 -9.45 -16.21
C PHE A 100 15.24 -8.63 -16.90
N GLU A 101 14.86 -7.47 -17.43
CA GLU A 101 15.82 -6.49 -17.92
C GLU A 101 16.69 -6.05 -16.76
N MET A 102 17.94 -5.69 -17.04
CA MET A 102 18.88 -5.27 -16.00
C MET A 102 18.33 -4.08 -15.19
N THR A 103 17.82 -3.06 -15.87
CA THR A 103 17.32 -1.87 -15.17
C THR A 103 16.15 -2.19 -14.22
N LYS A 104 15.40 -3.23 -14.54
CA LYS A 104 14.32 -3.74 -13.67
C LYS A 104 14.87 -4.54 -12.49
N LEU A 105 15.96 -5.28 -12.71
CA LEU A 105 16.65 -5.97 -11.63
C LEU A 105 17.17 -4.97 -10.63
N ILE A 106 17.76 -3.89 -11.14
CA ILE A 106 18.29 -2.86 -10.27
C ILE A 106 17.16 -2.24 -9.49
N ASP A 107 16.09 -1.87 -10.19
CA ASP A 107 14.93 -1.27 -9.57
C ASP A 107 14.35 -2.13 -8.44
N ILE A 108 14.32 -3.45 -8.64
CA ILE A 108 13.89 -4.36 -7.59
C ILE A 108 14.80 -4.25 -6.35
N ALA A 109 16.11 -4.29 -6.59
CA ALA A 109 17.12 -4.16 -5.53
C ALA A 109 16.94 -2.84 -4.79
N ARG A 110 16.70 -1.77 -5.55
CA ARG A 110 16.48 -0.46 -4.97
C ARG A 110 15.29 -0.48 -3.99
N GLN A 111 14.17 -1.02 -4.43
CA GLN A 111 13.00 -1.04 -3.58
C GLN A 111 13.15 -1.91 -2.34
N THR A 112 13.77 -3.07 -2.52
CA THR A 112 14.01 -3.95 -1.40
C THR A 112 14.83 -3.19 -0.37
N ALA A 113 15.89 -2.53 -0.85
CA ALA A 113 16.71 -1.69 0.01
C ALA A 113 15.83 -0.62 0.68
N GLN A 114 15.01 0.04 -0.14
CA GLN A 114 14.09 1.06 0.33
C GLN A 114 13.24 0.57 1.51
N GLY A 115 12.75 -0.67 1.40
CA GLY A 115 11.94 -1.27 2.44
C GLY A 115 12.75 -1.56 3.68
N MET A 116 13.93 -2.15 3.47
CA MET A 116 14.84 -2.48 4.59
C MET A 116 15.30 -1.23 5.32
N ASP A 117 15.63 -0.20 4.57
CA ASP A 117 15.99 1.07 5.16
C ASP A 117 14.93 1.54 6.15
N TYR A 118 13.66 1.40 5.77
CA TYR A 118 12.54 1.80 6.62
C TYR A 118 12.46 0.96 7.91
N LEU A 119 12.50 -0.38 7.79
CA LEU A 119 12.48 -1.26 8.96
C LEU A 119 13.57 -0.89 9.96
N HIS A 120 14.80 -0.73 9.45
CA HIS A 120 15.94 -0.41 10.28
C HIS A 120 15.80 0.94 10.97
N ALA A 121 15.21 1.90 10.27
CA ALA A 121 14.93 3.22 10.86
C ALA A 121 13.94 3.10 12.00
N LYS A 122 13.05 2.11 11.89
CA LYS A 122 12.04 1.85 12.91
C LYS A 122 12.58 0.86 13.93
N SER A 123 13.88 0.56 13.84
CA SER A 123 14.52 -0.39 14.76
C SER A 123 14.09 -1.85 14.60
N ILE A 124 13.55 -2.19 13.43
CA ILE A 124 13.13 -3.56 13.17
C ILE A 124 14.23 -4.34 12.47
N ILE A 125 14.52 -5.54 12.98
CA ILE A 125 15.39 -6.47 12.32
C ILE A 125 14.52 -7.58 11.79
N HIS A 126 14.49 -7.74 10.47
CA HIS A 126 13.62 -8.73 9.82
C HIS A 126 13.96 -10.17 10.20
N ARG A 127 15.26 -10.47 10.24
CA ARG A 127 15.78 -11.81 10.58
C ARG A 127 15.39 -12.96 9.63
N ASP A 128 14.67 -12.66 8.55
CA ASP A 128 14.29 -13.71 7.61
C ASP A 128 14.10 -13.19 6.19
N LEU A 129 14.87 -12.17 5.83
CA LEU A 129 14.88 -11.67 4.46
C LEU A 129 15.52 -12.70 3.53
N LYS A 130 14.81 -12.97 2.45
CA LYS A 130 15.19 -13.93 1.41
C LYS A 130 14.15 -13.73 0.32
N SER A 131 14.46 -14.17 -0.89
CA SER A 131 13.58 -13.94 -2.04
C SER A 131 12.18 -14.60 -1.91
N ASN A 132 12.03 -15.50 -0.94
CA ASN A 132 10.73 -16.12 -0.66
C ASN A 132 9.77 -15.19 0.04
N ASN A 133 10.32 -14.15 0.66
CA ASN A 133 9.55 -13.21 1.43
C ASN A 133 9.46 -11.86 0.73
N ILE A 134 9.91 -11.83 -0.52
CA ILE A 134 9.81 -10.64 -1.32
C ILE A 134 8.85 -10.93 -2.48
N PHE A 135 7.78 -10.15 -2.54
CA PHE A 135 6.70 -10.36 -3.49
C PHE A 135 6.58 -9.19 -4.41
N LEU A 136 6.41 -9.49 -5.69
CA LEU A 136 6.28 -8.49 -6.74
C LEU A 136 4.83 -8.22 -7.13
N HIS A 137 4.30 -7.10 -6.66
CA HIS A 137 2.93 -6.73 -6.94
C HIS A 137 2.77 -6.20 -8.36
N GLU A 138 1.85 -6.82 -9.11
CA GLU A 138 1.52 -6.40 -10.47
C GLU A 138 2.76 -6.17 -11.29
N ASP A 139 3.78 -7.00 -11.03
CA ASP A 139 5.12 -6.92 -11.64
C ASP A 139 5.96 -5.67 -11.32
N LEU A 140 5.35 -4.65 -10.70
CA LEU A 140 6.03 -3.38 -10.41
C LEU A 140 6.54 -3.24 -8.98
N THR A 141 5.65 -3.24 -7.99
CA THR A 141 6.03 -2.91 -6.62
C THR A 141 6.58 -4.09 -5.83
N VAL A 142 7.62 -3.83 -5.05
CA VAL A 142 8.21 -4.82 -4.17
C VAL A 142 7.61 -4.74 -2.78
N LYS A 143 7.24 -5.89 -2.24
CA LYS A 143 6.73 -5.93 -0.90
C LYS A 143 7.50 -6.98 -0.10
N ILE A 144 8.09 -6.54 1.01
CA ILE A 144 8.74 -7.46 1.92
C ILE A 144 7.70 -7.99 2.90
N GLY A 145 7.69 -9.31 3.09
CA GLY A 145 6.71 -9.96 3.94
C GLY A 145 7.27 -10.93 4.96
N ASP A 146 6.37 -11.59 5.67
CA ASP A 146 6.67 -12.60 6.68
C ASP A 146 7.52 -12.08 7.84
N PHE A 147 6.84 -11.56 8.84
CA PHE A 147 7.50 -10.96 9.98
C PHE A 147 7.53 -11.89 11.20
N GLY A 148 7.26 -13.18 10.95
CA GLY A 148 7.25 -14.19 12.00
C GLY A 148 8.52 -14.25 12.82
N LEU A 149 9.63 -13.82 12.22
CA LEU A 149 10.92 -13.84 12.90
C LEU A 149 11.49 -12.47 13.27
N ALA A 150 10.80 -11.40 12.93
CA ALA A 150 11.26 -10.05 13.22
C ALA A 150 11.16 -9.64 14.70
N THR A 151 12.02 -8.71 15.12
CA THR A 151 11.94 -8.04 16.43
C THR A 151 12.34 -6.60 16.31
N VAL A 152 12.07 -5.83 17.35
CA VAL A 152 12.64 -4.50 17.48
C VAL A 152 13.91 -4.62 18.32
N LYS A 153 14.93 -3.80 18.01
CA LYS A 153 16.24 -3.86 18.69
C LYS A 153 16.14 -3.45 20.16
N GLY A 167 15.84 -21.91 9.20
CA GLY A 167 15.94 -23.07 8.32
C GLY A 167 16.33 -22.74 6.88
N SER A 168 16.37 -21.44 6.55
CA SER A 168 16.79 -20.99 5.23
C SER A 168 18.25 -20.52 5.23
N ILE A 169 19.17 -21.48 5.12
CA ILE A 169 20.56 -21.18 5.42
C ILE A 169 21.33 -20.35 4.37
N LEU A 170 20.85 -20.34 3.13
CA LEU A 170 21.54 -19.66 2.03
C LEU A 170 21.64 -18.15 2.21
N TRP A 171 20.86 -17.58 3.12
CA TRP A 171 20.84 -16.11 3.32
C TRP A 171 21.48 -15.71 4.67
N MET A 172 21.86 -16.71 5.47
CA MET A 172 22.42 -16.47 6.79
C MET A 172 23.89 -16.04 6.74
N ALA A 173 24.17 -14.94 7.42
CA ALA A 173 25.53 -14.44 7.58
C ALA A 173 26.33 -15.47 8.39
N PRO A 174 27.67 -15.54 8.16
CA PRO A 174 28.52 -16.52 8.83
C PRO A 174 28.38 -16.49 10.34
N GLU A 175 28.22 -15.28 10.89
CA GLU A 175 28.08 -15.13 12.33
C GLU A 175 26.77 -15.76 12.82
N VAL A 176 25.74 -15.67 11.99
CA VAL A 176 24.44 -16.25 12.33
C VAL A 176 24.53 -17.77 12.32
N ILE A 177 25.21 -18.33 11.33
CA ILE A 177 25.45 -19.77 11.26
C ILE A 177 26.24 -20.31 12.45
N ARG A 178 27.31 -19.61 12.83
CA ARG A 178 28.11 -20.01 13.97
C ARG A 178 27.38 -19.92 15.33
N MET A 179 26.45 -18.97 15.44
CA MET A 179 25.65 -18.76 16.66
C MET A 179 26.47 -18.44 17.92
N GLN A 180 27.73 -18.03 17.76
CA GLN A 180 28.64 -17.89 18.90
C GLN A 180 28.45 -16.62 19.73
N ASP A 181 27.86 -15.58 19.14
CA ASP A 181 27.65 -14.31 19.84
C ASP A 181 26.47 -14.35 20.83
N PRO A 184 23.29 -12.69 17.89
CA PRO A 184 23.96 -12.86 16.60
C PRO A 184 23.24 -12.15 15.44
N TYR A 185 21.94 -11.89 15.59
CA TYR A 185 21.21 -11.15 14.58
C TYR A 185 21.42 -9.66 14.77
N SER A 186 21.51 -8.93 13.67
CA SER A 186 21.67 -7.48 13.72
C SER A 186 21.22 -6.82 12.43
N PHE A 187 21.32 -5.50 12.38
CA PHE A 187 21.12 -4.80 11.12
C PHE A 187 22.06 -5.38 10.06
N GLN A 188 23.26 -5.79 10.47
CA GLN A 188 24.26 -6.22 9.51
C GLN A 188 23.96 -7.60 8.94
N SER A 189 23.36 -8.47 9.74
CA SER A 189 22.98 -9.79 9.26
C SER A 189 21.82 -9.65 8.27
N ASP A 190 20.95 -8.66 8.52
CA ASP A 190 19.90 -8.30 7.56
C ASP A 190 20.57 -7.91 6.24
N VAL A 191 21.63 -7.10 6.34
CA VAL A 191 22.37 -6.59 5.18
C VAL A 191 23.03 -7.72 4.37
N TYR A 192 23.56 -8.70 5.07
CA TYR A 192 24.10 -9.89 4.42
C TYR A 192 23.01 -10.63 3.63
N ALA A 193 21.87 -10.88 4.26
CA ALA A 193 20.75 -11.51 3.57
C ALA A 193 20.40 -10.72 2.30
N PHE A 194 20.35 -9.39 2.43
CA PHE A 194 20.17 -8.53 1.26
C PHE A 194 21.20 -8.85 0.15
N GLY A 195 22.48 -8.89 0.54
CA GLY A 195 23.55 -9.28 -0.37
C GLY A 195 23.26 -10.55 -1.17
N ILE A 196 22.80 -11.59 -0.49
CA ILE A 196 22.37 -12.83 -1.15
C ILE A 196 21.20 -12.60 -2.12
N VAL A 197 20.24 -11.77 -1.74
CA VAL A 197 19.17 -11.44 -2.68
C VAL A 197 19.76 -10.75 -3.91
N LEU A 198 20.64 -9.77 -3.69
CA LEU A 198 21.38 -9.16 -4.80
C LEU A 198 22.03 -10.20 -5.69
N TYR A 199 22.69 -11.17 -5.07
CA TYR A 199 23.32 -12.25 -5.80
C TYR A 199 22.31 -12.96 -6.72
N GLU A 200 21.16 -13.35 -6.16
CA GLU A 200 20.09 -14.01 -6.91
C GLU A 200 19.64 -13.16 -8.10
N LEU A 201 19.36 -11.88 -7.86
CA LEU A 201 19.04 -10.94 -8.92
C LEU A 201 20.11 -10.93 -10.02
N MET A 202 21.36 -10.73 -9.64
CA MET A 202 22.44 -10.52 -10.60
C MET A 202 22.95 -11.78 -11.28
N THR A 203 22.72 -12.95 -10.68
CA THR A 203 23.17 -14.20 -11.27
C THR A 203 22.01 -15.03 -11.81
N GLY A 204 20.81 -14.75 -11.33
CA GLY A 204 19.67 -15.57 -11.66
C GLY A 204 19.69 -16.91 -10.94
N GLN A 205 20.60 -17.06 -9.98
CA GLN A 205 20.77 -18.33 -9.30
C GLN A 205 20.83 -18.20 -7.78
N LEU A 206 20.55 -19.31 -7.12
CA LEU A 206 20.81 -19.44 -5.70
C LEU A 206 22.31 -19.68 -5.55
N PRO A 207 22.91 -19.25 -4.43
CA PRO A 207 24.32 -19.56 -4.24
C PRO A 207 24.61 -21.05 -4.01
N TYR A 208 25.88 -21.42 -4.14
CA TYR A 208 26.37 -22.76 -3.82
C TYR A 208 25.58 -23.85 -4.55
N SER A 209 25.07 -23.50 -5.72
CA SER A 209 24.25 -24.42 -6.49
C SER A 209 25.02 -25.57 -7.13
N ASN A 210 26.34 -25.58 -6.97
CA ASN A 210 27.13 -26.73 -7.40
C ASN A 210 27.48 -27.65 -6.24
N ILE A 211 27.02 -27.27 -5.04
CA ILE A 211 27.11 -28.10 -3.85
C ILE A 211 25.74 -28.63 -3.46
N ASN A 212 25.65 -29.97 -3.34
CA ASN A 212 24.37 -30.63 -3.14
C ASN A 212 24.09 -31.03 -1.69
N ASN A 213 24.97 -30.64 -0.76
CA ASN A 213 24.87 -31.05 0.63
C ASN A 213 24.71 -29.89 1.58
N ARG A 214 23.52 -29.80 2.20
CA ARG A 214 23.18 -28.71 3.12
C ARG A 214 24.12 -28.57 4.34
N ASP A 215 24.45 -29.66 5.02
CA ASP A 215 25.35 -29.58 6.18
C ASP A 215 26.72 -28.98 5.85
N GLN A 216 27.31 -29.42 4.74
CA GLN A 216 28.59 -28.88 4.27
C GLN A 216 28.54 -27.38 4.00
N ILE A 217 27.50 -26.93 3.29
CA ILE A 217 27.30 -25.50 3.08
C ILE A 217 27.25 -24.75 4.40
N ILE A 218 26.47 -25.29 5.34
CA ILE A 218 26.42 -24.72 6.69
C ILE A 218 27.82 -24.67 7.30
N PHE A 219 28.47 -25.81 7.44
CA PHE A 219 29.79 -25.85 8.04
C PHE A 219 30.75 -24.85 7.42
N MET A 220 30.80 -24.83 6.08
CA MET A 220 31.78 -24.01 5.38
C MET A 220 31.49 -22.53 5.41
N VAL A 221 30.27 -22.12 5.12
CA VAL A 221 29.99 -20.69 5.23
C VAL A 221 30.32 -20.22 6.64
N GLY A 222 29.93 -21.02 7.64
CA GLY A 222 30.19 -20.70 9.03
C GLY A 222 31.67 -20.45 9.33
N ARG A 223 32.53 -21.27 8.74
CA ARG A 223 33.96 -21.20 9.01
C ARG A 223 34.71 -20.27 8.06
N GLY A 224 33.99 -19.69 7.10
CA GLY A 224 34.58 -18.77 6.15
C GLY A 224 35.30 -19.45 5.00
N TYR A 225 35.10 -20.75 4.83
CA TYR A 225 35.71 -21.48 3.74
C TYR A 225 35.01 -21.28 2.41
N LEU A 226 33.76 -20.84 2.45
CA LEU A 226 32.93 -20.75 1.26
C LEU A 226 32.18 -19.44 1.25
N SER A 227 32.05 -18.85 0.07
CA SER A 227 31.26 -17.64 -0.08
C SER A 227 30.79 -17.57 -1.51
N PRO A 228 29.71 -16.79 -1.77
CA PRO A 228 29.11 -16.75 -3.10
C PRO A 228 30.14 -16.34 -4.14
N ASP A 229 30.05 -16.96 -5.32
CA ASP A 229 31.00 -16.72 -6.38
C ASP A 229 30.50 -15.61 -7.29
N LEU A 230 31.10 -14.43 -7.18
CA LEU A 230 30.66 -13.24 -7.89
C LEU A 230 30.96 -13.26 -9.38
N SER A 231 31.73 -14.24 -9.84
CA SER A 231 32.07 -14.33 -11.25
C SER A 231 30.91 -14.86 -12.06
N LYS A 232 29.78 -15.08 -11.42
CA LYS A 232 28.59 -15.62 -12.08
C LYS A 232 27.55 -14.56 -12.41
N VAL A 233 27.84 -13.30 -12.07
CA VAL A 233 26.92 -12.20 -12.36
C VAL A 233 26.79 -12.01 -13.87
N ARG A 234 25.57 -11.76 -14.34
CA ARG A 234 25.34 -11.51 -15.76
C ARG A 234 26.29 -10.40 -16.23
N SER A 235 26.77 -10.53 -17.45
CA SER A 235 27.87 -9.69 -17.93
C SER A 235 27.53 -8.22 -18.07
N ASN A 236 26.25 -7.88 -18.13
CA ASN A 236 25.83 -6.48 -18.16
C ASN A 236 25.48 -5.91 -16.78
N CYS A 237 25.78 -6.68 -15.73
CA CYS A 237 25.64 -6.20 -14.36
C CYS A 237 26.75 -5.20 -14.08
N PRO A 238 26.39 -3.94 -13.74
CA PRO A 238 27.37 -2.87 -13.52
C PRO A 238 28.45 -3.19 -12.49
N LYS A 239 29.64 -2.63 -12.71
CA LYS A 239 30.78 -2.85 -11.83
C LYS A 239 30.44 -2.37 -10.42
N ALA A 240 29.87 -1.18 -10.33
CA ALA A 240 29.43 -0.61 -9.06
C ALA A 240 28.50 -1.56 -8.27
N MET A 241 27.63 -2.27 -8.99
CA MET A 241 26.67 -3.19 -8.39
C MET A 241 27.36 -4.46 -7.89
N LYS A 242 28.23 -5.03 -8.72
CA LYS A 242 29.06 -6.16 -8.33
C LYS A 242 29.85 -5.85 -7.05
N ARG A 243 30.30 -4.59 -6.93
CA ARG A 243 31.12 -4.14 -5.82
C ARG A 243 30.29 -3.99 -4.54
N LEU A 244 29.12 -3.38 -4.66
CA LEU A 244 28.18 -3.24 -3.54
C LEU A 244 27.79 -4.61 -2.96
N MET A 245 27.57 -5.57 -3.84
CA MET A 245 27.28 -6.94 -3.49
C MET A 245 28.39 -7.54 -2.64
N ALA A 246 29.63 -7.34 -3.08
CA ALA A 246 30.79 -7.81 -2.34
C ALA A 246 30.88 -7.17 -0.96
N GLU A 247 30.52 -5.90 -0.85
CA GLU A 247 30.54 -5.21 0.43
C GLU A 247 29.47 -5.74 1.38
N CYS A 248 28.30 -6.03 0.83
CA CYS A 248 27.19 -6.52 1.64
C CYS A 248 27.51 -7.89 2.18
N LEU A 249 28.31 -8.63 1.43
CA LEU A 249 28.62 -10.02 1.73
C LEU A 249 29.85 -10.21 2.61
N LYS A 250 30.47 -9.12 3.06
CA LYS A 250 31.70 -9.24 3.85
C LYS A 250 31.47 -10.18 5.04
N LYS A 251 32.36 -11.14 5.21
CA LYS A 251 32.29 -12.13 6.28
C LYS A 251 32.27 -11.45 7.63
N LYS A 252 33.13 -10.44 7.80
CA LYS A 252 33.11 -9.61 9.01
C LYS A 252 31.94 -8.62 8.96
N ARG A 253 31.01 -8.75 9.89
CA ARG A 253 29.79 -7.97 9.85
C ARG A 253 30.00 -6.47 9.93
N ASP A 254 31.00 -6.04 10.69
CA ASP A 254 31.27 -4.61 10.84
C ASP A 254 31.76 -3.95 9.56
N GLU A 255 32.23 -4.77 8.63
CA GLU A 255 32.70 -4.27 7.35
C GLU A 255 31.59 -4.03 6.35
N ARG A 256 30.40 -4.55 6.63
CA ARG A 256 29.22 -4.40 5.76
C ARG A 256 28.63 -3.00 5.84
N PRO A 257 28.13 -2.48 4.70
CA PRO A 257 27.52 -1.14 4.66
C PRO A 257 26.17 -1.10 5.37
N THR A 258 25.73 0.10 5.73
CA THR A 258 24.37 0.29 6.26
C THR A 258 23.36 0.46 5.11
N PHE A 259 22.08 0.28 5.41
CA PHE A 259 21.09 0.45 4.36
C PHE A 259 21.01 1.85 3.75
N PRO A 260 21.15 2.91 4.58
CA PRO A 260 21.22 4.21 3.93
C PRO A 260 22.37 4.25 2.91
N GLN A 261 23.49 3.62 3.24
CA GLN A 261 24.62 3.55 2.32
C GLN A 261 24.28 2.73 1.06
N ILE A 262 23.70 1.56 1.26
CA ILE A 262 23.33 0.68 0.17
C ILE A 262 22.39 1.42 -0.77
N LEU A 263 21.47 2.16 -0.17
CA LEU A 263 20.47 2.90 -0.89
C LEU A 263 21.12 3.99 -1.73
N ALA A 264 22.01 4.76 -1.11
CA ALA A 264 22.70 5.86 -1.77
C ALA A 264 23.46 5.38 -2.99
N SER A 265 24.19 4.28 -2.87
CA SER A 265 25.01 3.78 -3.98
C SER A 265 24.17 3.16 -5.11
N ILE A 266 23.05 2.55 -4.77
CA ILE A 266 22.14 2.08 -5.82
C ILE A 266 21.56 3.26 -6.57
N GLU A 267 21.03 4.23 -5.83
CA GLU A 267 20.52 5.48 -6.43
C GLU A 267 21.57 6.20 -7.28
N THR A 268 22.84 6.12 -6.88
CA THR A 268 23.95 6.72 -7.64
C THR A 268 24.08 6.14 -9.05
N LEU A 269 23.53 4.94 -9.25
CA LEU A 269 23.37 4.44 -10.60
C LEU A 269 22.10 4.99 -11.26
N ALA A 270 22.02 6.32 -11.32
CA ALA A 270 21.12 7.01 -12.25
C ALA A 270 22.00 7.34 -13.43
N ARG A 271 22.48 6.28 -14.09
CA ARG A 271 23.40 6.38 -15.24
C ARG A 271 22.91 5.47 -16.35
N ASP B 1 3.94 5.15 18.04
CA ASP B 1 3.58 6.51 17.56
C ASP B 1 4.05 6.78 16.13
N TRP B 2 3.42 7.75 15.47
CA TRP B 2 3.66 7.97 14.04
C TRP B 2 4.24 9.34 13.76
N GLU B 3 4.70 10.03 14.80
CA GLU B 3 5.33 11.31 14.60
C GLU B 3 6.74 11.17 13.99
N ILE B 4 7.01 11.99 12.97
CA ILE B 4 8.30 12.02 12.29
C ILE B 4 9.08 13.23 12.82
N PRO B 5 10.30 12.98 13.37
CA PRO B 5 11.16 14.05 13.88
C PRO B 5 11.48 15.11 12.83
N ASP B 6 11.48 16.36 13.27
CA ASP B 6 11.85 17.51 12.45
C ASP B 6 13.19 17.31 11.72
N GLY B 7 13.22 17.67 10.45
CA GLY B 7 14.44 17.60 9.65
C GLY B 7 14.58 16.37 8.78
N GLN B 8 13.72 15.37 8.99
CA GLN B 8 13.78 14.13 8.22
C GLN B 8 13.08 14.24 6.89
N ILE B 9 12.00 15.03 6.83
CA ILE B 9 11.19 15.14 5.63
C ILE B 9 11.75 16.20 4.72
N THR B 10 12.08 15.82 3.49
CA THR B 10 12.48 16.75 2.43
C THR B 10 11.24 17.14 1.63
N VAL B 11 11.09 18.44 1.36
CA VAL B 11 9.89 18.91 0.69
C VAL B 11 10.24 19.48 -0.67
N GLY B 12 9.69 18.88 -1.72
CA GLY B 12 10.00 19.30 -3.07
C GLY B 12 8.91 20.13 -3.71
N GLN B 13 8.50 19.68 -4.89
CA GLN B 13 7.57 20.37 -5.76
C GLN B 13 6.18 20.55 -5.13
N ARG B 14 5.67 21.78 -5.19
CA ARG B 14 4.28 22.05 -4.79
C ARG B 14 3.32 21.45 -5.79
N ILE B 15 2.50 20.52 -5.32
CA ILE B 15 1.64 19.73 -6.19
C ILE B 15 0.29 20.43 -6.40
N GLY B 16 -0.23 21.04 -5.34
CA GLY B 16 -1.50 21.73 -5.37
C GLY B 16 -2.04 21.97 -3.99
N SER B 17 -3.35 22.10 -3.91
CA SER B 17 -4.01 22.36 -2.65
C SER B 17 -4.85 21.17 -2.20
N GLY B 18 -4.87 20.94 -0.88
CA GLY B 18 -5.74 19.94 -0.28
C GLY B 18 -6.79 20.62 0.59
N SER B 19 -7.49 19.84 1.41
CA SER B 19 -8.36 20.41 2.43
C SER B 19 -7.45 20.95 3.50
N PHE B 20 -7.64 22.21 3.84
CA PHE B 20 -6.88 22.87 4.93
C PHE B 20 -5.36 22.73 4.82
N GLY B 21 -4.80 22.85 3.62
CA GLY B 21 -3.34 22.82 3.50
C GLY B 21 -2.82 22.81 2.08
N THR B 22 -1.49 22.78 1.95
CA THR B 22 -0.82 22.76 0.66
C THR B 22 -0.12 21.43 0.49
N VAL B 23 -0.28 20.83 -0.68
CA VAL B 23 0.31 19.52 -0.93
C VAL B 23 1.58 19.61 -1.79
N TYR B 24 2.62 18.92 -1.34
CA TYR B 24 3.91 18.90 -2.02
C TYR B 24 4.32 17.46 -2.28
N LYS B 25 5.04 17.22 -3.37
CA LYS B 25 5.79 15.97 -3.49
C LYS B 25 7.04 16.04 -2.59
N GLY B 26 7.31 14.95 -1.87
CA GLY B 26 8.43 14.96 -0.94
C GLY B 26 9.26 13.69 -0.90
N LYS B 27 10.25 13.70 -0.01
CA LYS B 27 11.07 12.53 0.28
C LYS B 27 11.06 12.22 1.76
N TRP B 28 10.68 11.00 2.11
CA TRP B 28 10.87 10.46 3.45
C TRP B 28 10.84 8.96 3.31
N HIS B 29 12.02 8.33 3.35
CA HIS B 29 12.18 6.92 3.02
C HIS B 29 11.60 6.66 1.65
N GLY B 30 11.96 7.51 0.70
CA GLY B 30 11.44 7.44 -0.65
C GLY B 30 10.41 8.52 -0.89
N ASP B 31 9.67 8.39 -1.99
CA ASP B 31 8.74 9.42 -2.42
C ASP B 31 7.54 9.42 -1.52
N VAL B 32 7.13 10.61 -1.08
CA VAL B 32 5.92 10.76 -0.27
C VAL B 32 5.10 11.96 -0.75
N ALA B 33 3.86 12.04 -0.31
CA ALA B 33 3.13 13.30 -0.44
C ALA B 33 3.06 13.92 0.96
N VAL B 34 3.18 15.24 1.00
CA VAL B 34 3.11 15.98 2.25
C VAL B 34 2.10 17.12 2.16
N LYS B 35 1.13 17.10 3.06
CA LYS B 35 0.19 18.22 3.18
C LYS B 35 0.56 19.00 4.43
N MET B 36 0.76 20.29 4.28
CA MET B 36 1.05 21.12 5.45
C MET B 36 0.28 22.42 5.49
N LEU B 37 -0.02 22.85 6.72
CA LEU B 37 -0.60 24.16 6.98
C LEU B 37 0.52 25.21 7.16
N ASN B 38 0.38 26.34 6.50
CA ASN B 38 1.47 27.31 6.43
C ASN B 38 1.47 28.43 7.48
N VAL B 39 0.32 28.65 8.11
CA VAL B 39 0.16 29.65 9.19
C VAL B 39 1.23 29.42 10.27
N THR B 40 1.95 30.47 10.64
CA THR B 40 3.10 30.38 11.57
C THR B 40 2.75 29.71 12.90
N ALA B 41 1.78 30.29 13.59
CA ALA B 41 1.20 29.67 14.78
C ALA B 41 -0.25 29.29 14.47
N PRO B 42 -0.54 27.98 14.46
CA PRO B 42 -1.88 27.50 14.14
C PRO B 42 -2.89 27.83 15.23
N THR B 43 -4.12 28.12 14.84
CA THR B 43 -5.20 28.36 15.81
C THR B 43 -5.67 27.03 16.41
N PRO B 44 -6.26 27.07 17.62
CA PRO B 44 -6.88 25.90 18.24
C PRO B 44 -7.80 25.11 17.31
N GLN B 45 -8.53 25.81 16.43
CA GLN B 45 -9.38 25.18 15.41
C GLN B 45 -8.55 24.40 14.41
N GLN B 46 -7.51 25.05 13.88
CA GLN B 46 -6.62 24.42 12.90
C GLN B 46 -5.91 23.23 13.52
N LEU B 47 -5.34 23.42 14.71
CA LEU B 47 -4.66 22.36 15.45
C LEU B 47 -5.61 21.19 15.73
N GLN B 48 -6.89 21.50 15.87
CA GLN B 48 -7.92 20.48 16.02
C GLN B 48 -8.12 19.70 14.72
N ALA B 49 -8.37 20.43 13.63
CA ALA B 49 -8.56 19.81 12.32
C ALA B 49 -7.45 18.81 12.04
N PHE B 50 -6.21 19.20 12.37
CA PHE B 50 -5.03 18.38 12.18
C PHE B 50 -5.08 17.11 13.02
N LYS B 51 -5.27 17.27 14.33
CA LYS B 51 -5.40 16.13 15.24
C LYS B 51 -6.53 15.17 14.81
N ASN B 52 -7.67 15.72 14.38
CA ASN B 52 -8.76 14.93 13.83
C ASN B 52 -8.37 14.16 12.57
N GLU B 53 -7.68 14.83 11.66
CA GLU B 53 -7.31 14.23 10.37
C GLU B 53 -6.39 13.04 10.57
N VAL B 54 -5.38 13.21 11.42
CA VAL B 54 -4.41 12.17 11.75
C VAL B 54 -5.14 10.99 12.37
N GLY B 55 -5.97 11.27 13.37
CA GLY B 55 -6.78 10.26 14.04
C GLY B 55 -7.59 9.39 13.09
N VAL B 56 -8.23 10.00 12.10
CA VAL B 56 -8.94 9.24 11.06
C VAL B 56 -7.97 8.40 10.24
N LEU B 57 -6.93 9.05 9.71
CA LEU B 57 -5.94 8.36 8.88
C LEU B 57 -5.34 7.10 9.52
N ARG B 58 -4.94 7.20 10.78
CA ARG B 58 -4.27 6.08 11.43
C ARG B 58 -5.19 4.88 11.67
N LYS B 59 -6.47 5.05 11.36
CA LYS B 59 -7.43 3.96 11.47
C LYS B 59 -7.54 3.19 10.16
N THR B 60 -6.76 3.60 9.16
CA THR B 60 -6.87 3.06 7.80
C THR B 60 -5.61 2.31 7.32
N ARG B 61 -5.80 1.05 6.94
CA ARG B 61 -4.76 0.22 6.37
C ARG B 61 -5.41 -0.63 5.28
N HIS B 62 -5.35 -0.15 4.05
CA HIS B 62 -6.04 -0.81 2.95
C HIS B 62 -5.48 -0.34 1.62
N VAL B 63 -5.29 -1.30 0.73
CA VAL B 63 -4.66 -1.08 -0.58
C VAL B 63 -5.24 0.12 -1.33
N ASN B 64 -6.51 0.43 -1.10
CA ASN B 64 -7.20 1.47 -1.85
C ASN B 64 -7.36 2.77 -1.10
N ILE B 65 -6.78 2.83 0.10
CA ILE B 65 -6.73 4.08 0.86
C ILE B 65 -5.30 4.57 0.78
N LEU B 66 -5.11 5.76 0.23
CA LEU B 66 -3.79 6.38 0.16
C LEU B 66 -3.08 6.22 1.54
N LEU B 67 -1.91 5.58 1.52
CA LEU B 67 -1.28 5.11 2.75
C LEU B 67 -0.73 6.22 3.65
N PHE B 68 -1.35 6.39 4.81
CA PHE B 68 -0.83 7.29 5.81
C PHE B 68 0.49 6.75 6.35
N MET B 69 1.49 7.61 6.39
CA MET B 69 2.85 7.20 6.74
C MET B 69 3.39 7.89 7.99
N GLY B 70 2.81 9.05 8.32
CA GLY B 70 3.22 9.78 9.52
C GLY B 70 2.85 11.25 9.51
N TYR B 71 3.20 11.95 10.58
CA TYR B 71 2.91 13.37 10.68
C TYR B 71 4.02 14.09 11.41
N SER B 72 4.14 15.39 11.18
CA SER B 72 5.10 16.22 11.87
C SER B 72 4.39 17.47 12.36
N THR B 73 4.91 18.04 13.45
CA THR B 73 4.34 19.25 14.04
C THR B 73 5.30 20.43 14.04
N LYS B 74 6.59 20.17 13.85
CA LYS B 74 7.58 21.24 13.73
C LYS B 74 8.46 21.00 12.48
N PRO B 75 8.71 22.04 11.69
CA PRO B 75 8.33 23.43 11.96
C PRO B 75 6.86 23.77 11.70
N GLN B 76 6.13 22.86 11.06
CA GLN B 76 4.70 23.07 10.81
C GLN B 76 3.89 21.79 10.82
N LEU B 77 2.58 21.94 10.97
CA LEU B 77 1.67 20.81 10.97
C LEU B 77 1.67 20.17 9.59
N ALA B 78 2.16 18.94 9.52
CA ALA B 78 2.28 18.24 8.24
C ALA B 78 1.79 16.80 8.31
N ILE B 79 1.07 16.38 7.27
CA ILE B 79 0.64 14.99 7.14
C ILE B 79 1.42 14.34 6.00
N VAL B 80 1.92 13.13 6.23
CA VAL B 80 2.71 12.41 5.23
C VAL B 80 2.06 11.12 4.81
N THR B 81 1.73 11.02 3.53
CA THR B 81 1.23 9.79 2.92
C THR B 81 2.19 9.32 1.84
N GLN B 82 2.01 8.09 1.37
CA GLN B 82 2.78 7.57 0.24
C GLN B 82 2.60 8.48 -0.97
N TRP B 83 3.60 8.48 -1.86
CA TRP B 83 3.44 9.17 -3.13
C TRP B 83 2.83 8.23 -4.13
N CYS B 84 1.80 8.69 -4.82
CA CYS B 84 1.14 7.85 -5.81
C CYS B 84 1.65 8.18 -7.20
N GLU B 85 2.31 7.21 -7.82
CA GLU B 85 2.96 7.37 -9.11
C GLU B 85 1.95 7.47 -10.25
N GLY B 86 1.38 8.65 -10.44
CA GLY B 86 0.36 8.89 -11.46
C GLY B 86 -0.46 10.12 -11.17
N SER B 87 -1.61 10.25 -11.84
CA SER B 87 -2.44 11.44 -11.71
C SER B 87 -3.75 11.15 -11.02
N SER B 88 -4.41 12.21 -10.54
CA SER B 88 -5.77 12.07 -10.03
C SER B 88 -6.72 11.65 -11.15
N LEU B 89 -7.78 10.97 -10.75
CA LEU B 89 -8.84 10.56 -11.67
C LEU B 89 -9.40 11.75 -12.43
N TYR B 90 -9.57 12.86 -11.73
CA TYR B 90 -10.00 14.11 -12.33
C TYR B 90 -9.09 14.51 -13.49
N HIS B 91 -7.80 14.58 -13.23
CA HIS B 91 -6.84 14.99 -14.24
C HIS B 91 -7.01 14.10 -15.46
N HIS B 92 -7.07 12.81 -15.24
CA HIS B 92 -7.16 11.85 -16.34
C HIS B 92 -8.35 12.17 -17.21
N LEU B 93 -9.51 12.30 -16.57
CA LEU B 93 -10.78 12.37 -17.29
C LEU B 93 -11.03 13.72 -17.92
N HIS B 94 -10.62 14.79 -17.25
CA HIS B 94 -11.07 16.11 -17.64
C HIS B 94 -9.97 17.03 -18.15
N THR B 95 -8.75 16.88 -17.66
CA THR B 95 -7.64 17.67 -18.15
C THR B 95 -7.04 16.95 -19.34
N ASN B 96 -6.51 15.76 -19.10
CA ASN B 96 -5.77 15.02 -20.11
C ASN B 96 -6.68 14.34 -21.13
N GLU B 97 -7.94 14.15 -20.75
CA GLU B 97 -8.93 13.44 -21.57
C GLU B 97 -8.44 12.06 -22.01
N THR B 98 -7.87 11.32 -21.07
CA THR B 98 -7.46 9.93 -21.28
C THR B 98 -8.68 9.08 -21.56
N LYS B 99 -8.65 8.35 -22.66
CA LYS B 99 -9.70 7.37 -22.94
C LYS B 99 -9.27 6.02 -22.36
N PHE B 100 -9.99 5.55 -21.34
CA PHE B 100 -9.78 4.22 -20.81
C PHE B 100 -10.74 3.23 -21.47
N GLU B 101 -10.29 1.98 -21.59
CA GLU B 101 -11.14 0.86 -21.99
C GLU B 101 -12.26 0.74 -20.95
N MET B 102 -13.43 0.29 -21.40
CA MET B 102 -14.57 0.12 -20.50
C MET B 102 -14.23 -0.79 -19.30
N THR B 103 -13.60 -1.93 -19.54
CA THR B 103 -13.32 -2.88 -18.45
C THR B 103 -12.37 -2.27 -17.39
N LYS B 104 -11.56 -1.31 -17.82
CA LYS B 104 -10.69 -0.56 -16.92
C LYS B 104 -11.48 0.49 -16.11
N LEU B 105 -12.43 1.13 -16.78
CA LEU B 105 -13.33 2.08 -16.13
C LEU B 105 -14.11 1.37 -15.03
N ILE B 106 -14.61 0.19 -15.34
CA ILE B 106 -15.35 -0.60 -14.36
C ILE B 106 -14.42 -0.96 -13.21
N ASP B 107 -13.23 -1.42 -13.54
CA ASP B 107 -12.27 -1.81 -12.53
C ASP B 107 -11.91 -0.66 -11.59
N ILE B 108 -11.79 0.56 -12.12
CA ILE B 108 -11.60 1.74 -11.29
C ILE B 108 -12.77 1.94 -10.33
N ALA B 109 -13.99 1.87 -10.86
CA ALA B 109 -15.20 1.98 -10.04
C ALA B 109 -15.21 0.95 -8.91
N ARG B 110 -14.86 -0.29 -9.26
CA ARG B 110 -14.81 -1.39 -8.30
C ARG B 110 -13.89 -1.07 -7.14
N GLN B 111 -12.68 -0.63 -7.45
CA GLN B 111 -11.69 -0.36 -6.41
C GLN B 111 -12.08 0.83 -5.55
N THR B 112 -12.66 1.85 -6.17
CA THR B 112 -13.10 3.00 -5.42
C THR B 112 -14.13 2.53 -4.42
N ALA B 113 -15.09 1.74 -4.92
CA ALA B 113 -16.10 1.13 -4.08
C ALA B 113 -15.44 0.28 -3.00
N GLN B 114 -14.45 -0.52 -3.40
CA GLN B 114 -13.70 -1.34 -2.47
C GLN B 114 -13.15 -0.53 -1.28
N GLY B 115 -12.59 0.64 -1.59
CA GLY B 115 -12.04 1.52 -0.57
C GLY B 115 -13.11 2.12 0.33
N MET B 116 -14.16 2.61 -0.29
CA MET B 116 -15.26 3.23 0.44
C MET B 116 -15.94 2.22 1.37
N ASP B 117 -16.11 0.99 0.90
CA ASP B 117 -16.69 -0.06 1.71
C ASP B 117 -15.86 -0.22 2.98
N TYR B 118 -14.54 -0.14 2.84
CA TYR B 118 -13.63 -0.22 3.97
C TYR B 118 -13.86 0.93 4.97
N LEU B 119 -13.84 2.17 4.48
CA LEU B 119 -14.02 3.34 5.35
C LEU B 119 -15.31 3.23 6.14
N HIS B 120 -16.38 2.87 5.44
CA HIS B 120 -17.68 2.78 6.05
C HIS B 120 -17.74 1.68 7.10
N ALA B 121 -17.07 0.56 6.84
CA ALA B 121 -16.97 -0.52 7.82
C ALA B 121 -16.27 0.00 9.06
N LYS B 122 -15.32 0.90 8.87
CA LYS B 122 -14.55 1.47 9.98
C LYS B 122 -15.26 2.69 10.53
N SER B 123 -16.50 2.91 10.08
CA SER B 123 -17.32 4.05 10.51
C SER B 123 -16.80 5.44 10.07
N ILE B 124 -15.99 5.47 9.02
CA ILE B 124 -15.47 6.73 8.52
C ILE B 124 -16.35 7.23 7.39
N ILE B 125 -16.77 8.49 7.50
CA ILE B 125 -17.40 9.20 6.40
C ILE B 125 -16.40 10.16 5.79
N HIS B 126 -16.07 9.94 4.53
CA HIS B 126 -15.05 10.73 3.86
C HIS B 126 -15.42 12.19 3.75
N ARG B 127 -16.68 12.46 3.38
CA ARG B 127 -17.22 13.82 3.23
C ARG B 127 -16.57 14.69 2.15
N ASP B 128 -15.64 14.15 1.36
CA ASP B 128 -15.02 14.92 0.28
C ASP B 128 -14.56 14.03 -0.88
N LEU B 129 -15.24 12.91 -1.08
CA LEU B 129 -14.97 12.04 -2.21
C LEU B 129 -15.33 12.76 -3.49
N LYS B 130 -14.38 12.75 -4.42
CA LYS B 130 -14.51 13.35 -5.75
C LYS B 130 -13.30 12.87 -6.54
N SER B 131 -13.35 12.97 -7.85
CA SER B 131 -12.25 12.46 -8.68
C SER B 131 -10.88 13.17 -8.43
N ASN B 132 -10.90 14.32 -7.76
CA ASN B 132 -9.68 15.02 -7.36
C ASN B 132 -8.93 14.35 -6.24
N ASN B 133 -9.65 13.54 -5.47
CA ASN B 133 -9.08 12.87 -4.33
C ASN B 133 -8.88 11.38 -4.59
N ILE B 134 -9.05 10.97 -5.84
CA ILE B 134 -8.82 9.59 -6.22
C ILE B 134 -7.66 9.53 -7.20
N PHE B 135 -6.60 8.83 -6.80
CA PHE B 135 -5.35 8.81 -7.52
C PHE B 135 -5.04 7.43 -8.05
N LEU B 136 -4.59 7.38 -9.30
CA LEU B 136 -4.25 6.14 -9.96
C LEU B 136 -2.76 5.85 -9.91
N HIS B 137 -2.38 4.88 -9.08
CA HIS B 137 -0.97 4.52 -8.94
C HIS B 137 -0.51 3.64 -10.07
N GLU B 138 0.56 4.05 -10.75
CA GLU B 138 1.15 3.28 -11.83
C GLU B 138 0.09 2.79 -12.80
N ASP B 139 -0.91 3.65 -13.03
CA ASP B 139 -2.09 3.34 -13.85
C ASP B 139 -3.00 2.19 -13.37
N LEU B 140 -2.57 1.40 -12.39
CA LEU B 140 -3.34 0.25 -11.94
C LEU B 140 -4.19 0.46 -10.67
N THR B 141 -3.56 0.79 -9.56
CA THR B 141 -4.24 0.81 -8.27
C THR B 141 -4.86 2.16 -7.94
N VAL B 142 -6.05 2.09 -7.36
CA VAL B 142 -6.80 3.28 -6.97
C VAL B 142 -6.54 3.59 -5.50
N LYS B 143 -6.26 4.85 -5.22
CA LYS B 143 -6.03 5.27 -3.86
C LYS B 143 -6.92 6.47 -3.58
N ILE B 144 -7.77 6.36 -2.57
CA ILE B 144 -8.58 7.48 -2.11
C ILE B 144 -7.77 8.28 -1.10
N GLY B 145 -7.75 9.61 -1.29
CA GLY B 145 -6.95 10.50 -0.46
C GLY B 145 -7.70 11.68 0.13
N ASP B 146 -6.92 12.57 0.76
CA ASP B 146 -7.39 13.81 1.40
C ASP B 146 -8.50 13.58 2.42
N PHE B 147 -8.10 13.38 3.67
CA PHE B 147 -9.04 13.10 4.75
C PHE B 147 -9.29 14.30 5.65
N GLY B 148 -8.87 15.47 5.18
CA GLY B 148 -9.10 16.74 5.86
C GLY B 148 -10.52 16.98 6.31
N LEU B 149 -11.49 16.41 5.59
CA LEU B 149 -12.90 16.60 5.94
C LEU B 149 -13.59 15.38 6.57
N ALA B 150 -12.89 14.25 6.67
CA ALA B 150 -13.47 13.02 7.18
C ALA B 150 -13.70 13.01 8.71
N THR B 151 -14.68 12.22 9.16
CA THR B 151 -14.91 11.94 10.59
C THR B 151 -15.37 10.52 10.78
N VAL B 152 -15.30 10.06 12.03
CA VAL B 152 -15.91 8.79 12.40
C VAL B 152 -17.33 9.10 12.88
N LYS B 153 -18.27 8.21 12.59
CA LYS B 153 -19.69 8.42 12.94
C LYS B 153 -19.89 8.46 14.46
N SER B 154 -20.72 9.41 14.91
CA SER B 154 -21.04 9.64 16.33
C SER B 154 -22.08 10.73 16.46
N GLY B 167 -16.65 23.06 -0.79
CA GLY B 167 -16.58 23.94 -1.97
C GLY B 167 -16.67 23.23 -3.31
N SER B 168 -16.67 21.89 -3.28
CA SER B 168 -16.76 21.08 -4.51
C SER B 168 -18.19 20.60 -4.75
N ILE B 169 -19.01 21.47 -5.33
CA ILE B 169 -20.45 21.25 -5.29
C ILE B 169 -21.01 20.18 -6.23
N LEU B 170 -20.26 19.83 -7.27
CA LEU B 170 -20.71 18.82 -8.23
C LEU B 170 -20.91 17.43 -7.62
N TRP B 171 -20.32 17.15 -6.47
CA TRP B 171 -20.40 15.83 -5.84
C TRP B 171 -21.34 15.79 -4.63
N MET B 172 -21.86 16.95 -4.25
CA MET B 172 -22.70 17.09 -3.06
C MET B 172 -24.11 16.58 -3.33
N ALA B 173 -24.59 15.70 -2.45
CA ALA B 173 -25.98 15.24 -2.46
C ALA B 173 -26.90 16.44 -2.20
N PRO B 174 -28.13 16.39 -2.75
CA PRO B 174 -29.07 17.49 -2.56
C PRO B 174 -29.27 17.87 -1.09
N GLU B 175 -29.31 16.87 -0.20
CA GLU B 175 -29.49 17.14 1.22
C GLU B 175 -28.31 17.90 1.81
N VAL B 176 -27.12 17.62 1.28
CA VAL B 176 -25.90 18.31 1.70
C VAL B 176 -25.92 19.78 1.26
N ILE B 177 -26.40 20.03 0.04
CA ILE B 177 -26.55 21.39 -0.48
C ILE B 177 -27.55 22.23 0.32
N ARG B 178 -28.69 21.62 0.65
CA ARG B 178 -29.71 22.31 1.42
C ARG B 178 -29.30 22.57 2.88
N MET B 179 -28.41 21.74 3.43
CA MET B 179 -27.93 21.87 4.81
C MET B 179 -29.05 21.88 5.86
N GLN B 180 -30.23 21.42 5.46
CA GLN B 180 -31.43 21.55 6.28
C GLN B 180 -31.54 20.52 7.42
N ASP B 181 -30.86 19.38 7.29
CA ASP B 181 -30.91 18.31 8.30
C ASP B 181 -30.02 18.59 9.52
N PRO B 184 -26.35 16.72 7.89
CA PRO B 184 -26.67 16.44 6.49
C PRO B 184 -25.70 15.46 5.80
N TYR B 185 -24.48 15.33 6.33
CA TYR B 185 -23.52 14.37 5.78
C TYR B 185 -23.75 12.98 6.36
N SER B 186 -23.65 11.95 5.53
CA SER B 186 -23.82 10.58 5.98
C SER B 186 -23.11 9.58 5.07
N PHE B 187 -23.27 8.29 5.36
CA PHE B 187 -22.79 7.25 4.46
C PHE B 187 -23.43 7.41 3.10
N GLN B 188 -24.68 7.85 3.08
CA GLN B 188 -25.42 7.99 1.83
C GLN B 188 -24.96 9.15 0.96
N SER B 189 -24.57 10.25 1.59
CA SER B 189 -24.06 11.39 0.85
C SER B 189 -22.70 11.04 0.25
N ASP B 190 -21.92 10.23 0.97
CA ASP B 190 -20.71 9.62 0.40
C ASP B 190 -21.07 8.83 -0.84
N VAL B 191 -22.13 8.04 -0.73
CA VAL B 191 -22.57 7.18 -1.83
C VAL B 191 -22.99 7.98 -3.06
N TYR B 192 -23.67 9.09 -2.83
CA TYR B 192 -24.04 10.00 -3.91
C TYR B 192 -22.79 10.51 -4.65
N ALA B 193 -21.82 11.01 -3.88
CA ALA B 193 -20.55 11.46 -4.44
C ALA B 193 -19.91 10.37 -5.30
N PHE B 194 -19.98 9.13 -4.81
CA PHE B 194 -19.52 8.00 -5.59
C PHE B 194 -20.26 7.90 -6.92
N GLY B 195 -21.59 8.06 -6.86
CA GLY B 195 -22.44 8.05 -8.03
C GLY B 195 -21.96 9.00 -9.09
N ILE B 196 -21.62 10.23 -8.67
CA ILE B 196 -21.05 11.25 -9.56
C ILE B 196 -19.71 10.82 -10.15
N VAL B 197 -18.86 10.21 -9.34
CA VAL B 197 -17.59 9.68 -9.87
C VAL B 197 -17.89 8.61 -10.95
N LEU B 198 -18.84 7.72 -10.65
CA LEU B 198 -19.31 6.75 -11.63
C LEU B 198 -19.72 7.43 -12.92
N TYR B 199 -20.51 8.50 -12.79
CA TYR B 199 -20.90 9.31 -13.93
C TYR B 199 -19.70 9.74 -14.77
N GLU B 200 -18.70 10.33 -14.09
CA GLU B 200 -17.48 10.80 -14.75
C GLU B 200 -16.77 9.67 -15.51
N LEU B 201 -16.59 8.53 -14.85
CA LEU B 201 -16.04 7.35 -15.50
C LEU B 201 -16.84 6.96 -16.76
N MET B 202 -18.15 6.85 -16.62
CA MET B 202 -18.97 6.28 -17.68
C MET B 202 -19.27 7.26 -18.82
N THR B 203 -19.19 8.55 -18.55
CA THR B 203 -19.51 9.56 -19.57
C THR B 203 -18.29 10.28 -20.07
N GLY B 204 -17.22 10.22 -19.28
CA GLY B 204 -16.01 10.96 -19.58
C GLY B 204 -16.18 12.45 -19.33
N GLN B 205 -17.27 12.83 -18.68
CA GLN B 205 -17.56 14.25 -18.45
C GLN B 205 -17.93 14.55 -17.03
N LEU B 206 -17.79 15.82 -16.65
CA LEU B 206 -18.40 16.35 -15.43
C LEU B 206 -19.88 16.57 -15.70
N PRO B 207 -20.73 16.40 -14.68
CA PRO B 207 -22.16 16.66 -14.91
C PRO B 207 -22.46 18.12 -15.21
N TYR B 208 -23.65 18.37 -15.76
CA TYR B 208 -24.21 19.71 -15.95
C TYR B 208 -23.30 20.57 -16.80
N SER B 209 -22.57 19.93 -17.70
CA SER B 209 -21.55 20.64 -18.45
C SER B 209 -22.15 21.49 -19.57
N ASN B 210 -23.46 21.45 -19.71
CA ASN B 210 -24.15 22.37 -20.62
C ASN B 210 -24.78 23.56 -19.88
N ILE B 211 -24.53 23.62 -18.58
CA ILE B 211 -24.92 24.77 -17.77
C ILE B 211 -23.66 25.47 -17.32
N ASN B 212 -23.58 26.76 -17.59
CA ASN B 212 -22.38 27.53 -17.31
C ASN B 212 -22.44 28.36 -16.01
N ASN B 213 -23.49 28.19 -15.22
CA ASN B 213 -23.68 29.00 -14.02
C ASN B 213 -23.74 28.15 -12.73
N ARG B 214 -22.71 28.29 -11.90
CA ARG B 214 -22.57 27.55 -10.64
C ARG B 214 -23.75 27.80 -9.67
N ASP B 215 -24.08 29.08 -9.48
CA ASP B 215 -25.14 29.43 -8.55
C ASP B 215 -26.39 28.64 -8.90
N GLN B 216 -26.73 28.64 -10.18
CA GLN B 216 -27.88 27.93 -10.69
C GLN B 216 -27.82 26.41 -10.50
N ILE B 217 -26.65 25.82 -10.74
CA ILE B 217 -26.46 24.40 -10.48
C ILE B 217 -26.74 24.08 -9.02
N ILE B 218 -26.15 24.88 -8.12
CA ILE B 218 -26.42 24.75 -6.69
C ILE B 218 -27.92 24.79 -6.43
N PHE B 219 -28.56 25.90 -6.75
CA PHE B 219 -29.99 26.06 -6.50
C PHE B 219 -30.75 24.86 -6.97
N MET B 220 -30.54 24.47 -8.22
CA MET B 220 -31.36 23.44 -8.85
C MET B 220 -31.14 22.04 -8.32
N VAL B 221 -29.89 21.62 -8.18
CA VAL B 221 -29.65 20.30 -7.60
C VAL B 221 -30.26 20.23 -6.21
N GLY B 222 -30.11 21.29 -5.42
CA GLY B 222 -30.72 21.40 -4.10
C GLY B 222 -32.24 21.24 -4.08
N ARG B 223 -32.91 21.82 -5.07
CA ARG B 223 -34.36 21.73 -5.12
C ARG B 223 -34.90 20.50 -5.84
N GLY B 224 -33.99 19.73 -6.42
CA GLY B 224 -34.37 18.55 -7.18
C GLY B 224 -34.78 18.83 -8.62
N TYR B 225 -34.56 20.03 -9.11
CA TYR B 225 -34.92 20.37 -10.49
C TYR B 225 -33.97 19.78 -11.51
N LEU B 226 -32.75 19.49 -11.07
CA LEU B 226 -31.67 19.07 -11.96
C LEU B 226 -30.99 17.84 -11.39
N SER B 227 -30.58 16.94 -12.28
CA SER B 227 -29.79 15.77 -11.91
C SER B 227 -28.99 15.32 -13.12
N PRO B 228 -27.92 14.53 -12.90
CA PRO B 228 -27.05 14.12 -14.01
C PRO B 228 -27.84 13.40 -15.07
N ASP B 229 -27.50 13.67 -16.32
CA ASP B 229 -28.18 13.10 -17.46
C ASP B 229 -27.47 11.80 -17.87
N LEU B 230 -28.10 10.68 -17.53
CA LEU B 230 -27.51 9.37 -17.76
C LEU B 230 -27.46 8.93 -19.23
N SER B 231 -28.15 9.65 -20.11
CA SER B 231 -28.16 9.33 -21.53
C SER B 231 -26.82 9.68 -22.20
N LYS B 232 -25.86 10.12 -21.39
CA LYS B 232 -24.56 10.53 -21.90
C LYS B 232 -23.47 9.48 -21.67
N VAL B 233 -23.85 8.36 -21.06
CA VAL B 233 -22.92 7.26 -20.84
C VAL B 233 -22.48 6.66 -22.17
N ARG B 234 -21.19 6.34 -22.29
CA ARG B 234 -20.65 5.70 -23.49
C ARG B 234 -21.48 4.46 -23.79
N SER B 235 -21.65 4.18 -25.08
CA SER B 235 -22.63 3.17 -25.53
C SER B 235 -22.32 1.74 -25.13
N ASN B 236 -21.07 1.45 -24.79
CA ASN B 236 -20.71 0.13 -24.31
C ASN B 236 -20.67 0.01 -22.78
N CYS B 237 -21.20 1.02 -22.11
CA CYS B 237 -21.39 0.99 -20.67
C CYS B 237 -22.54 0.06 -20.34
N PRO B 238 -22.29 -0.99 -19.57
CA PRO B 238 -23.31 -2.00 -19.26
C PRO B 238 -24.60 -1.44 -18.68
N LYS B 239 -25.73 -2.07 -19.00
CA LYS B 239 -27.03 -1.66 -18.49
C LYS B 239 -27.00 -1.69 -16.97
N ALA B 240 -26.46 -2.78 -16.42
CA ALA B 240 -26.36 -2.96 -14.97
C ALA B 240 -25.65 -1.80 -14.29
N MET B 241 -24.63 -1.28 -14.96
CA MET B 241 -23.81 -0.18 -14.45
C MET B 241 -24.56 1.13 -14.51
N LYS B 242 -25.19 1.40 -15.65
CA LYS B 242 -26.08 2.54 -15.80
C LYS B 242 -27.15 2.55 -14.71
N ARG B 243 -27.66 1.37 -14.37
CA ARG B 243 -28.69 1.21 -13.36
C ARG B 243 -28.18 1.48 -11.93
N LEU B 244 -26.99 0.97 -11.62
CA LEU B 244 -26.36 1.18 -10.32
C LEU B 244 -26.09 2.66 -10.09
N MET B 245 -25.67 3.34 -11.16
CA MET B 245 -25.41 4.76 -11.14
C MET B 245 -26.66 5.53 -10.74
N ALA B 246 -27.79 5.17 -11.37
CA ALA B 246 -29.08 5.77 -11.08
C ALA B 246 -29.48 5.55 -9.64
N GLU B 247 -29.16 4.38 -9.09
CA GLU B 247 -29.48 4.09 -7.70
C GLU B 247 -28.66 4.91 -6.73
N CYS B 248 -27.37 5.08 -7.04
CA CYS B 248 -26.47 5.85 -6.20
C CYS B 248 -26.85 7.31 -6.19
N LEU B 249 -27.44 7.75 -7.29
CA LEU B 249 -27.81 9.15 -7.47
C LEU B 249 -29.21 9.54 -7.02
N LYS B 250 -29.96 8.61 -6.41
CA LYS B 250 -31.34 8.89 -5.95
C LYS B 250 -31.35 10.12 -5.06
N LYS B 251 -32.22 11.08 -5.39
CA LYS B 251 -32.32 12.34 -4.65
C LYS B 251 -32.67 12.10 -3.18
N LYS B 252 -33.55 11.14 -2.91
CA LYS B 252 -33.83 10.69 -1.54
C LYS B 252 -32.71 9.76 -1.06
N ARG B 253 -31.96 10.22 -0.06
CA ARG B 253 -30.79 9.50 0.41
C ARG B 253 -31.08 8.07 0.87
N ASP B 254 -32.24 7.85 1.47
CA ASP B 254 -32.59 6.54 2.00
C ASP B 254 -32.77 5.50 0.89
N GLU B 255 -33.06 5.98 -0.32
CA GLU B 255 -33.20 5.09 -1.46
C GLU B 255 -31.87 4.60 -2.05
N ARG B 256 -30.78 5.26 -1.69
CA ARG B 256 -29.46 4.93 -2.20
C ARG B 256 -28.94 3.63 -1.59
N PRO B 257 -28.15 2.85 -2.36
CA PRO B 257 -27.61 1.58 -1.89
C PRO B 257 -26.44 1.78 -0.94
N THR B 258 -26.11 0.77 -0.15
CA THR B 258 -24.93 0.81 0.69
C THR B 258 -23.70 0.37 -0.10
N PHE B 259 -22.51 0.63 0.42
CA PHE B 259 -21.31 0.21 -0.30
C PHE B 259 -21.15 -1.30 -0.44
N PRO B 260 -21.48 -2.08 0.62
CA PRO B 260 -21.41 -3.50 0.38
C PRO B 260 -22.28 -3.89 -0.83
N GLN B 261 -23.44 -3.26 -0.97
CA GLN B 261 -24.35 -3.50 -2.09
C GLN B 261 -23.77 -3.06 -3.43
N ILE B 262 -23.23 -1.84 -3.46
CA ILE B 262 -22.59 -1.29 -4.63
C ILE B 262 -21.47 -2.22 -5.08
N LEU B 263 -20.74 -2.73 -4.09
CA LEU B 263 -19.61 -3.60 -4.34
C LEU B 263 -20.09 -4.91 -4.95
N ALA B 264 -21.08 -5.53 -4.32
CA ALA B 264 -21.63 -6.80 -4.77
C ALA B 264 -22.08 -6.72 -6.23
N SER B 265 -22.75 -5.65 -6.60
CA SER B 265 -23.30 -5.54 -7.95
C SER B 265 -22.24 -5.24 -9.00
N ILE B 266 -21.20 -4.50 -8.64
CA ILE B 266 -20.07 -4.31 -9.55
C ILE B 266 -19.34 -5.62 -9.77
N GLU B 267 -19.01 -6.31 -8.67
CA GLU B 267 -18.42 -7.65 -8.75
C GLU B 267 -19.27 -8.62 -9.57
N THR B 268 -20.60 -8.50 -9.49
CA THR B 268 -21.52 -9.35 -10.25
C THR B 268 -21.32 -9.22 -11.76
N LEU B 269 -20.72 -8.10 -12.18
CA LEU B 269 -20.25 -7.98 -13.55
C LEU B 269 -18.88 -8.65 -13.71
N ALA B 270 -18.81 -9.93 -13.37
CA ALA B 270 -17.78 -10.85 -13.85
C ALA B 270 -18.43 -11.56 -15.06
N ARG B 271 -18.74 -10.75 -16.07
CA ARG B 271 -19.30 -11.19 -17.33
C ARG B 271 -18.45 -10.51 -18.41
N SER B 272 -17.51 -11.27 -19.02
CA SER B 272 -16.51 -10.66 -19.90
C SER B 272 -16.88 -10.80 -21.40
C1 GOL C . 8.61 3.13 -4.81
O1 GOL C . 9.31 2.97 -6.04
C2 GOL C . 9.65 3.62 -3.81
O2 GOL C . 10.03 2.52 -2.98
C3 GOL C . 9.11 4.79 -3.00
O3 GOL C . 9.62 5.99 -3.60
C1 4EF D . 2.03 -13.65 -1.37
C2 4EF D . 1.27 -12.67 -1.98
C3 4EF D . 2.04 -13.94 -3.63
C4 4EF D . 2.51 -14.45 -2.44
C5 4EF D . 3.92 -14.95 4.74
C9 4EF D . 3.97 -15.72 2.48
C10 4EF D . 4.34 -15.85 3.81
C8 4EF D . 3.17 -14.68 2.07
C7 4EF D . 2.74 -13.76 3.01
C6 4EF D . 3.11 -13.91 4.33
O2 4EF D . 2.72 -13.43 6.85
O1 4EF D . 3.30 -11.52 5.35
N1 4EF D . 1.29 -12.84 -3.33
C12 4EF D . 2.13 -13.65 0.01
C13 4EF D . 0.80 -11.79 -0.04
C14 4EF D . 3.54 -17.80 1.38
C15 4EF D . 5.83 -16.92 1.66
O3 4EF D . 5.42 -18.99 0.47
N2 4EF D . 2.86 -14.62 0.69
C16 4EF D . 4.06 -18.63 0.21
C17 4EF D . 6.24 -17.81 0.50
N3 4EF D . 0.97 -12.43 5.16
S 4EF D . 2.60 -12.75 5.58
CL 4EF D . 3.50 -15.82 -2.26
N4 4EF D . 1.50 -12.67 0.66
N5 4EF D . 0.62 -11.69 -1.35
N6 4EF D . 4.41 -16.63 1.51
C11 4EF D . -0.04 -13.30 5.79
C1 GOL E . -32.08 9.03 -10.51
O1 GOL E . -30.89 8.26 -10.35
C2 GOL E . -31.66 10.48 -10.56
O2 GOL E . -32.68 11.23 -9.88
C3 GOL E . -31.49 10.90 -12.02
O3 GOL E . -30.19 11.47 -12.25
C1 4EF F . -1.03 12.84 -5.35
C2 4EF F . -0.17 11.76 -5.50
C3 4EF F . -0.49 12.58 -7.55
C4 4EF F . -1.22 13.35 -6.66
C5 4EF F . -4.26 15.62 -0.44
C9 4EF F . -3.79 15.77 -2.76
C10 4EF F . -4.45 16.25 -1.65
C8 4EF F . -2.95 14.67 -2.69
C7 4EF F . -2.76 14.03 -1.48
C6 4EF F . -3.43 14.52 -0.38
O2 4EF F . -3.68 14.82 2.14
O1 4EF F . -3.98 12.51 1.23
N1 4EF F . 0.14 11.62 -6.82
C12 4EF F . -1.49 13.18 -4.09
C13 4EF F . -0.24 11.41 -3.35
C14 4EF F . -3.06 17.49 -4.23
C15 4EF F . -5.37 16.67 -4.23
O3 4EF F . -4.66 18.32 -5.82
N2 4EF F . -2.35 14.27 -3.90
C16 4EF F . -3.29 17.95 -5.66
C17 4EF F . -5.48 17.15 -5.66
N3 4EF F . -1.57 13.41 1.30
S 4EF F . -3.26 13.77 1.23
CL 4EF F . -2.22 14.69 -6.98
N4 4EF F . -1.07 12.43 -3.07
N5 4EF F . 0.28 10.98 -4.51
N6 4EF F . -3.97 16.39 -3.99
C11 4EF F . -0.67 14.39 1.92
#